data_3JC2
#
_entry.id   3JC2
#
_cell.length_a   1.000
_cell.length_b   1.000
_cell.length_c   1.000
_cell.angle_alpha   90.00
_cell.angle_beta   90.00
_cell.angle_gamma   90.00
#
_symmetry.space_group_name_H-M   'P 1'
#
loop_
_entity.id
_entity.type
_entity.pdbx_description
1 polymer 'Protein transport protein Sec61 subunit alpha isoform 1'
2 polymer 'Protein transport protein Sec61 subunit gamma'
3 polymer Prolactin
4 polymer 'Protein transport protein Sec61 subunit beta'
#
loop_
_entity_poly.entity_id
_entity_poly.type
_entity_poly.pdbx_seq_one_letter_code
_entity_poly.pdbx_strand_id
1 'polypeptide(L)'
;MAIKFLEVIKPFCVILPEIQKPERKIQFKEKVLWTAITLFIFLVCCQIPLFGIMSSDSADPFYWMRVILASNRGTLMELG
ISPIVTSGLIMQLLAGAKIIEVGDTPKDRALFNGAQKLFGMIITIGQSIVYVMTGMYGDPSEMGAGICLLITIQLFVAGL
IVLLLDELLQKGYGLGSGISLFIATNICETIVWKAFSPTTVNTGRGMEFEGAIIALFHLLATRTDKVRALREAFYRQNLP
NLMNLIATIFVFAVVIYFQGFRVDLPIKSARYRGQYNTYPIKLFYTSNIPIILQSALVSNLYVISQMLSARFSGNLLVSL
LGTWSDTSSGGPARAYPVGGLCHYLSPPESFGSVLEDPVHAVVYIVFMLGSCAFFSKTWIEVSGSSAKDVAKQLKEQQMV
MRGHRETSMVHELNRYIPTAAAFGGLCIGALSVLADFLGAIGSGTGILLAVTIIYQYFEIFVKEQSEVGSMGALLF
;
1
2 'polypeptide(L)' FVEPSRQFVKDSIRLVKRCTKPDRKEFQKIAMATAIGFAIMGFIGFFVKLIHIPINNIIVGG 2
3 'polypeptide(L)' RLLLLLVVSNLLLCQGVVS w
4 'polypeptide(L)'
;(UNK)(UNK)(UNK)(UNK)(UNK)(UNK)(UNK)(UNK)(UNK)(UNK)(UNK)(UNK)(UNK)(UNK)(UNK)(UNK)
(UNK)(UNK)(UNK)(UNK)(UNK)(UNK)(UNK)(UNK)(UNK)(UNK)(UNK)(UNK)(UNK)(UNK)(UNK)(UNK)
;
3
#
# COMPACT_ATOMS: atom_id res chain seq x y z
N PRO A 11 23.79 -20.24 -7.76
CA PRO A 11 24.17 -20.12 -9.17
C PRO A 11 23.33 -19.12 -10.00
N PHE A 12 22.06 -18.91 -9.62
CA PHE A 12 21.18 -17.94 -10.31
C PHE A 12 21.43 -16.51 -9.85
N CYS A 13 21.51 -16.33 -8.52
CA CYS A 13 21.83 -15.04 -7.89
C CYS A 13 23.05 -14.32 -8.50
N VAL A 14 24.05 -15.08 -8.95
CA VAL A 14 25.25 -14.55 -9.62
C VAL A 14 24.93 -14.00 -11.03
N ILE A 15 23.96 -14.59 -11.72
CA ILE A 15 23.63 -14.21 -13.13
C ILE A 15 23.01 -12.81 -13.22
N LEU A 16 22.08 -12.53 -12.31
CA LEU A 16 21.29 -11.30 -12.33
C LEU A 16 22.06 -10.12 -11.73
N PRO A 17 21.70 -8.88 -12.12
CA PRO A 17 22.46 -7.71 -11.68
C PRO A 17 22.03 -7.15 -10.33
N GLU A 18 22.97 -6.51 -9.64
CA GLU A 18 22.70 -5.73 -8.41
C GLU A 18 23.44 -4.41 -8.47
N ILE A 19 22.95 -3.43 -7.71
CA ILE A 19 23.56 -2.11 -7.68
C ILE A 19 24.74 -2.13 -6.69
N GLN A 20 25.83 -1.46 -7.06
CA GLN A 20 26.98 -1.30 -6.19
C GLN A 20 26.57 -0.55 -4.95
N LYS A 21 26.98 -1.04 -3.79
CA LYS A 21 26.91 -0.25 -2.57
C LYS A 21 27.82 0.94 -2.78
N PRO A 22 27.33 2.16 -2.47
CA PRO A 22 28.05 3.35 -2.86
C PRO A 22 29.48 3.36 -2.28
N GLU A 23 30.43 3.85 -3.07
CA GLU A 23 31.87 3.77 -2.75
C GLU A 23 32.22 4.32 -1.36
N ARG A 24 31.47 5.35 -0.93
CA ARG A 24 31.54 5.90 0.42
C ARG A 24 30.14 6.36 0.88
N LYS A 25 30.11 7.20 1.91
CA LYS A 25 28.92 7.94 2.33
C LYS A 25 28.40 8.85 1.19
N ILE A 26 27.10 9.14 1.16
CA ILE A 26 26.51 10.13 0.21
C ILE A 26 25.76 11.21 1.01
N GLN A 27 25.87 12.46 0.54
CA GLN A 27 25.26 13.62 1.22
C GLN A 27 23.83 13.87 0.74
N PHE A 28 22.97 14.36 1.65
CA PHE A 28 21.50 14.34 1.44
C PHE A 28 21.02 15.11 0.21
N LYS A 29 21.74 16.17 -0.15
CA LYS A 29 21.47 16.92 -1.39
C LYS A 29 21.53 16.02 -2.62
N GLU A 30 22.47 15.07 -2.63
CA GLU A 30 22.60 14.13 -3.74
C GLU A 30 21.50 13.10 -3.68
N LYS A 31 21.38 12.42 -2.54
CA LYS A 31 20.34 11.40 -2.31
C LYS A 31 18.93 11.92 -2.62
N VAL A 32 18.65 13.17 -2.28
CA VAL A 32 17.37 13.82 -2.63
C VAL A 32 17.27 14.03 -4.15
N LEU A 33 18.36 14.41 -4.80
CA LEU A 33 18.36 14.58 -6.27
C LEU A 33 18.33 13.25 -7.04
N TRP A 34 18.71 12.14 -6.40
CA TRP A 34 18.47 10.79 -6.95
C TRP A 34 16.99 10.40 -7.00
N THR A 35 16.19 11.02 -6.15
CA THR A 35 14.76 10.73 -6.06
C THR A 35 13.94 11.60 -6.98
N ALA A 36 14.40 12.83 -7.23
CA ALA A 36 13.87 13.63 -8.34
C ALA A 36 13.97 12.81 -9.62
N ILE A 37 15.11 12.14 -9.83
CA ILE A 37 15.34 11.23 -10.96
C ILE A 37 14.33 10.06 -11.02
N THR A 38 14.33 9.21 -10.00
CA THR A 38 13.45 8.02 -10.00
C THR A 38 11.96 8.39 -9.97
N LEU A 39 11.60 9.42 -9.21
CA LEU A 39 10.22 9.90 -9.16
C LEU A 39 9.80 10.55 -10.48
N PHE A 40 10.71 11.29 -11.11
CA PHE A 40 10.47 11.79 -12.48
C PHE A 40 10.29 10.61 -13.44
N ILE A 41 11.16 9.60 -13.34
CA ILE A 41 11.13 8.45 -14.26
C ILE A 41 9.92 7.53 -14.06
N PHE A 42 9.46 7.35 -12.82
CA PHE A 42 8.24 6.54 -12.54
C PHE A 42 7.00 7.16 -13.16
N LEU A 43 6.82 8.46 -12.92
CA LEU A 43 5.68 9.19 -13.47
C LEU A 43 5.85 9.46 -14.97
N VAL A 44 7.08 9.45 -15.48
CA VAL A 44 7.31 9.35 -16.95
C VAL A 44 6.84 7.97 -17.45
N CYS A 45 7.16 6.91 -16.70
CA CYS A 45 6.71 5.56 -17.03
C CYS A 45 5.18 5.34 -16.90
N CYS A 46 4.52 6.07 -16.01
CA CYS A 46 3.07 5.88 -15.74
C CYS A 46 2.08 6.45 -16.78
N GLN A 47 2.59 6.89 -17.94
CA GLN A 47 1.77 7.32 -19.08
C GLN A 47 1.96 6.46 -20.32
N ILE A 48 3.20 6.44 -20.85
CA ILE A 48 3.51 5.96 -22.21
C ILE A 48 2.85 4.61 -22.51
N PRO A 49 1.92 4.57 -23.50
CA PRO A 49 1.19 3.33 -23.81
C PRO A 49 2.02 2.30 -24.60
N LEU A 50 1.84 1.02 -24.28
CA LEU A 50 2.57 -0.09 -24.94
C LEU A 50 2.14 -0.26 -26.40
N PHE A 51 2.91 -1.07 -27.14
CA PHE A 51 2.75 -1.18 -28.60
C PHE A 51 1.71 -2.22 -29.05
N GLY A 52 0.45 -1.97 -28.66
CA GLY A 52 -0.70 -2.70 -29.19
C GLY A 52 -1.25 -1.85 -30.32
N ILE A 53 -1.02 -2.29 -31.56
CA ILE A 53 -1.31 -1.49 -32.77
C ILE A 53 -2.80 -1.19 -32.88
N GLY A 74 -2.41 -0.15 -20.46
CA GLY A 74 -2.05 0.61 -21.66
C GLY A 74 -0.73 1.33 -21.47
N THR A 75 -0.50 1.85 -20.27
CA THR A 75 0.75 2.56 -19.97
C THR A 75 1.95 1.58 -19.94
N LEU A 76 3.15 2.04 -19.54
CA LEU A 76 4.28 1.12 -19.27
C LEU A 76 4.13 0.51 -17.87
N MET A 77 3.81 1.35 -16.88
CA MET A 77 3.50 0.91 -15.52
C MET A 77 2.06 0.38 -15.41
N GLU A 78 1.84 -0.80 -15.96
CA GLU A 78 0.54 -1.49 -15.88
C GLU A 78 0.52 -2.47 -14.72
N LEU A 79 1.57 -3.27 -14.63
CA LEU A 79 1.72 -4.24 -13.55
C LEU A 79 2.14 -3.55 -12.27
N GLY A 80 3.18 -2.73 -12.37
CA GLY A 80 3.71 -1.99 -11.23
C GLY A 80 4.60 -2.84 -10.36
N ILE A 81 4.68 -2.46 -9.09
CA ILE A 81 5.49 -3.15 -8.10
C ILE A 81 4.68 -4.24 -7.37
N SER A 82 3.34 -4.16 -7.43
CA SER A 82 2.45 -5.17 -6.81
C SER A 82 2.76 -6.66 -7.10
N PRO A 83 3.21 -7.00 -8.33
CA PRO A 83 3.69 -8.39 -8.53
C PRO A 83 4.95 -8.72 -7.72
N ILE A 84 5.87 -7.77 -7.59
CA ILE A 84 7.10 -7.95 -6.80
C ILE A 84 6.78 -7.97 -5.29
N VAL A 85 5.89 -7.06 -4.88
CA VAL A 85 5.41 -7.01 -3.50
C VAL A 85 4.71 -8.32 -3.14
N THR A 86 3.73 -8.74 -3.95
CA THR A 86 2.96 -9.94 -3.62
C THR A 86 3.85 -11.21 -3.57
N SER A 87 4.82 -11.33 -4.48
CA SER A 87 5.83 -12.42 -4.43
C SER A 87 6.74 -12.29 -3.22
N GLY A 88 7.06 -11.04 -2.88
CA GLY A 88 7.68 -10.70 -1.61
C GLY A 88 6.89 -11.29 -0.43
N LEU A 89 5.58 -11.10 -0.43
CA LEU A 89 4.70 -11.66 0.60
C LEU A 89 4.61 -13.19 0.54
N ILE A 90 4.57 -13.78 -0.66
CA ILE A 90 4.58 -15.23 -0.81
C ILE A 90 5.88 -15.90 -0.33
N MET A 91 7.01 -15.30 -0.67
CA MET A 91 8.33 -15.72 -0.17
C MET A 91 8.54 -15.41 1.33
N GLN A 92 7.94 -14.31 1.82
CA GLN A 92 7.93 -14.02 3.28
C GLN A 92 7.04 -15.00 4.06
N LEU A 93 5.92 -15.45 3.49
CA LEU A 93 5.11 -16.55 4.10
C LEU A 93 5.72 -17.95 3.94
N LEU A 94 6.56 -18.16 2.92
CA LEU A 94 7.34 -19.40 2.79
C LEU A 94 8.51 -19.39 3.76
N ALA A 95 9.12 -18.21 3.93
CA ALA A 95 10.11 -17.96 4.97
C ALA A 95 9.52 -18.15 6.38
N GLY A 96 8.34 -17.58 6.60
CA GLY A 96 7.67 -17.59 7.91
C GLY A 96 6.99 -18.89 8.32
N ALA A 97 6.38 -19.59 7.35
CA ALA A 97 5.74 -20.89 7.60
C ALA A 97 6.74 -22.05 7.80
N LYS A 98 8.04 -21.77 7.61
CA LYS A 98 9.14 -22.70 7.87
C LYS A 98 9.17 -23.87 6.87
N ILE A 99 8.85 -23.56 5.60
CA ILE A 99 9.00 -24.50 4.49
C ILE A 99 10.46 -24.41 4.04
N ILE A 100 10.89 -23.18 3.77
CA ILE A 100 12.31 -22.84 3.56
C ILE A 100 12.82 -22.18 4.85
N GLU A 101 14.04 -22.54 5.26
CA GLU A 101 14.63 -22.03 6.50
C GLU A 101 15.15 -20.60 6.34
N VAL A 102 15.04 -19.83 7.42
CA VAL A 102 15.53 -18.45 7.50
C VAL A 102 16.71 -18.41 8.49
N GLY A 103 17.73 -17.62 8.14
CA GLY A 103 18.90 -17.43 8.98
C GLY A 103 19.27 -15.97 9.11
N ASP A 104 19.35 -15.49 10.36
CA ASP A 104 19.86 -14.13 10.66
C ASP A 104 21.34 -13.99 10.30
N THR A 105 22.03 -15.14 10.22
CA THR A 105 23.38 -15.23 9.64
C THR A 105 23.36 -14.77 8.17
N PRO A 106 24.42 -14.06 7.72
CA PRO A 106 24.41 -13.45 6.38
C PRO A 106 24.47 -14.42 5.19
N LYS A 107 24.86 -15.67 5.42
CA LYS A 107 25.01 -16.66 4.33
C LYS A 107 23.64 -17.18 3.88
N ASP A 108 22.87 -17.72 4.82
CA ASP A 108 21.50 -18.19 4.55
C ASP A 108 20.61 -17.04 4.06
N ARG A 109 20.93 -15.81 4.48
CA ARG A 109 20.33 -14.61 3.89
C ARG A 109 20.89 -14.38 2.48
N ALA A 110 22.20 -14.50 2.31
CA ALA A 110 22.85 -14.35 0.98
C ALA A 110 22.34 -15.31 -0.11
N LEU A 111 21.94 -16.53 0.28
CA LEU A 111 21.22 -17.44 -0.65
C LEU A 111 19.72 -17.13 -0.81
N PHE A 112 19.16 -16.34 0.12
CA PHE A 112 17.72 -16.00 0.16
C PHE A 112 17.38 -14.62 -0.44
N ASN A 113 18.21 -13.60 -0.15
CA ASN A 113 17.98 -12.23 -0.67
C ASN A 113 18.06 -12.09 -2.20
N GLY A 114 18.87 -12.96 -2.82
CA GLY A 114 18.88 -13.13 -4.25
C GLY A 114 17.70 -13.96 -4.75
N ALA A 115 17.36 -15.02 -4.00
CA ALA A 115 16.20 -15.87 -4.33
C ALA A 115 14.89 -15.08 -4.35
N GLN A 116 14.70 -14.21 -3.35
CA GLN A 116 13.54 -13.29 -3.28
C GLN A 116 13.45 -12.39 -4.51
N LYS A 117 14.57 -11.75 -4.84
CA LYS A 117 14.68 -10.92 -6.04
C LYS A 117 14.42 -11.76 -7.32
N LEU A 118 14.87 -13.03 -7.32
CA LEU A 118 14.57 -13.99 -8.41
C LEU A 118 13.06 -14.30 -8.50
N PHE A 119 12.39 -14.47 -7.35
CA PHE A 119 10.92 -14.59 -7.35
C PHE A 119 10.26 -13.31 -7.84
N GLY A 120 10.84 -12.16 -7.47
CA GLY A 120 10.46 -10.87 -8.05
C GLY A 120 10.70 -10.75 -9.55
N MET A 121 11.69 -11.47 -10.06
CA MET A 121 12.02 -11.52 -11.50
C MET A 121 11.09 -12.48 -12.26
N ILE A 122 10.78 -13.64 -11.66
CA ILE A 122 9.87 -14.62 -12.27
C ILE A 122 8.43 -14.13 -12.22
N ILE A 123 8.00 -13.63 -11.06
CA ILE A 123 6.61 -13.21 -10.87
C ILE A 123 6.14 -12.14 -11.88
N THR A 124 7.04 -11.25 -12.30
CA THR A 124 6.71 -10.25 -13.34
C THR A 124 6.64 -10.89 -14.74
N ILE A 125 7.33 -12.01 -14.97
CA ILE A 125 7.13 -12.81 -16.20
C ILE A 125 5.80 -13.57 -16.10
N GLY A 126 5.50 -14.15 -14.94
CA GLY A 126 4.23 -14.82 -14.69
C GLY A 126 3.04 -13.90 -14.87
N GLN A 127 3.18 -12.69 -14.32
CA GLN A 127 2.19 -11.63 -14.48
C GLN A 127 2.16 -11.09 -15.92
N SER A 128 3.28 -11.14 -16.64
CA SER A 128 3.27 -10.81 -18.08
C SER A 128 2.35 -11.75 -18.87
N ILE A 129 2.34 -13.04 -18.52
CA ILE A 129 1.41 -14.03 -19.09
C ILE A 129 -0.01 -13.83 -18.53
N VAL A 130 -0.14 -13.75 -17.21
CA VAL A 130 -1.46 -13.66 -16.52
C VAL A 130 -2.24 -12.38 -16.86
N TYR A 131 -1.54 -11.24 -16.99
CA TYR A 131 -2.18 -9.96 -17.36
C TYR A 131 -2.76 -9.99 -18.79
N VAL A 132 -2.06 -10.64 -19.72
CA VAL A 132 -2.49 -10.73 -21.12
C VAL A 132 -3.55 -11.84 -21.31
N MET A 133 -3.24 -13.06 -20.85
CA MET A 133 -4.09 -14.25 -21.09
C MET A 133 -5.60 -14.06 -20.86
N THR A 134 -5.97 -13.39 -19.76
CA THR A 134 -7.39 -13.15 -19.44
C THR A 134 -8.10 -12.27 -20.48
N GLY A 135 -7.34 -11.40 -21.15
CA GLY A 135 -7.88 -10.53 -22.22
C GLY A 135 -8.14 -9.10 -21.79
N ILE A 147 0.44 -9.44 -31.69
CA ILE A 147 0.59 -8.37 -30.71
C ILE A 147 1.07 -8.83 -29.30
N CYS A 148 0.64 -10.02 -28.84
CA CYS A 148 0.93 -10.48 -27.44
C CYS A 148 2.40 -10.47 -26.95
N LEU A 149 3.27 -11.26 -27.58
CA LEU A 149 4.64 -11.48 -27.07
C LEU A 149 5.47 -10.18 -26.99
N LEU A 150 5.33 -9.32 -28.01
CA LEU A 150 5.88 -7.96 -27.97
C LEU A 150 5.46 -7.22 -26.71
N ILE A 151 4.15 -7.23 -26.42
CA ILE A 151 3.59 -6.61 -25.20
C ILE A 151 4.14 -7.26 -23.92
N THR A 152 4.23 -8.59 -23.90
CA THR A 152 4.80 -9.31 -22.73
C THR A 152 6.27 -8.93 -22.48
N ILE A 153 7.05 -8.79 -23.56
CA ILE A 153 8.46 -8.34 -23.47
C ILE A 153 8.56 -6.96 -22.80
N GLN A 154 7.69 -6.03 -23.20
CA GLN A 154 7.72 -4.66 -22.70
C GLN A 154 7.10 -4.51 -21.29
N LEU A 155 6.07 -5.31 -20.97
CA LEU A 155 5.62 -5.42 -19.57
C LEU A 155 6.71 -6.02 -18.67
N PHE A 156 7.38 -7.07 -19.17
CA PHE A 156 8.55 -7.66 -18.49
C PHE A 156 9.66 -6.62 -18.26
N VAL A 157 10.01 -5.87 -19.31
CA VAL A 157 11.00 -4.78 -19.20
C VAL A 157 10.52 -3.68 -18.22
N ALA A 158 9.21 -3.34 -18.28
CA ALA A 158 8.61 -2.34 -17.39
C ALA A 158 8.66 -2.77 -15.91
N GLY A 159 8.30 -4.02 -15.64
CA GLY A 159 8.47 -4.60 -14.30
C GLY A 159 9.94 -4.68 -13.88
N LEU A 160 10.80 -5.06 -14.82
CA LEU A 160 12.25 -5.20 -14.58
C LEU A 160 12.91 -3.87 -14.19
N ILE A 161 12.67 -2.82 -14.98
CA ILE A 161 13.30 -1.51 -14.75
C ILE A 161 12.99 -0.97 -13.33
N VAL A 162 11.74 -1.10 -12.92
CA VAL A 162 11.31 -0.64 -11.60
C VAL A 162 11.98 -1.46 -10.48
N LEU A 163 12.22 -2.75 -10.70
CA LEU A 163 12.96 -3.56 -9.72
C LEU A 163 14.39 -3.04 -9.44
N LEU A 164 15.04 -2.47 -10.45
CA LEU A 164 16.35 -1.84 -10.26
C LEU A 164 16.19 -0.42 -9.70
N LEU A 165 15.33 0.38 -10.34
CA LEU A 165 14.97 1.73 -9.82
C LEU A 165 14.61 1.67 -8.35
N ASP A 166 13.98 0.57 -7.94
CA ASP A 166 13.70 0.29 -6.54
C ASP A 166 14.98 0.20 -5.72
N GLU A 167 15.88 -0.69 -6.12
CA GLU A 167 17.13 -0.94 -5.38
C GLU A 167 18.06 0.27 -5.37
N LEU A 168 17.99 1.12 -6.41
CA LEU A 168 18.73 2.39 -6.41
C LEU A 168 18.42 3.24 -5.19
N LEU A 169 17.13 3.41 -4.92
CA LEU A 169 16.67 4.20 -3.79
C LEU A 169 17.02 3.53 -2.47
N GLN A 170 16.92 2.21 -2.43
CA GLN A 170 17.26 1.41 -1.24
C GLN A 170 18.75 1.45 -0.82
N LYS A 171 19.62 1.98 -1.69
CA LYS A 171 21.04 2.21 -1.35
C LYS A 171 21.46 3.70 -1.41
N GLY A 172 21.10 4.39 -2.49
CA GLY A 172 21.36 5.83 -2.64
C GLY A 172 20.19 6.74 -2.28
N TYR A 173 19.31 6.30 -1.38
CA TYR A 173 18.29 7.18 -0.76
C TYR A 173 17.72 6.65 0.56
N GLY A 174 17.32 7.56 1.46
CA GLY A 174 16.47 7.23 2.60
C GLY A 174 15.10 6.69 2.20
N LEU A 175 14.85 5.42 2.52
CA LEU A 175 13.67 4.64 2.10
C LEU A 175 13.85 3.96 0.74
N GLY A 176 13.20 2.81 0.61
CA GLY A 176 13.00 2.17 -0.67
C GLY A 176 12.05 2.91 -1.60
N SER A 177 11.09 2.18 -2.17
CA SER A 177 10.63 2.50 -3.52
C SER A 177 9.32 1.82 -3.93
N GLY A 178 9.30 0.49 -3.80
CA GLY A 178 8.05 -0.28 -3.77
C GLY A 178 7.05 0.52 -2.99
N ILE A 179 7.52 1.00 -1.84
CA ILE A 179 6.80 1.98 -1.04
C ILE A 179 6.56 3.27 -1.85
N SER A 180 7.62 4.02 -2.19
CA SER A 180 7.50 5.33 -2.88
C SER A 180 6.42 5.42 -3.96
N LEU A 181 6.33 4.38 -4.81
CA LEU A 181 5.35 4.38 -5.91
C LEU A 181 3.89 4.39 -5.44
N PHE A 182 3.63 3.69 -4.33
CA PHE A 182 2.29 3.68 -3.73
C PHE A 182 1.87 5.07 -3.26
N ILE A 183 2.83 5.89 -2.81
CA ILE A 183 2.59 7.34 -2.61
C ILE A 183 2.36 7.96 -3.97
N ALA A 184 3.37 7.85 -4.83
CA ALA A 184 3.41 8.63 -6.06
C ALA A 184 2.10 8.50 -6.84
N THR A 185 1.64 7.26 -7.05
CA THR A 185 0.42 7.00 -7.84
C THR A 185 -0.89 7.11 -7.02
N ASN A 186 -0.83 7.70 -5.83
CA ASN A 186 -2.02 7.94 -5.00
C ASN A 186 -2.33 9.42 -4.78
N ILE A 187 -1.36 10.18 -4.27
CA ILE A 187 -1.59 11.60 -3.94
C ILE A 187 -1.92 12.39 -5.23
N CYS A 188 -1.23 12.06 -6.33
CA CYS A 188 -1.59 12.55 -7.67
C CYS A 188 -3.06 12.29 -8.04
N GLU A 189 -3.51 11.04 -7.86
CA GLU A 189 -4.88 10.62 -8.25
C GLU A 189 -5.91 11.30 -7.36
N THR A 190 -5.58 11.33 -6.07
CA THR A 190 -6.28 12.14 -5.10
C THR A 190 -6.41 13.59 -5.56
N ILE A 191 -5.32 14.35 -5.68
CA ILE A 191 -5.43 15.78 -6.08
C ILE A 191 -6.03 16.02 -7.48
N VAL A 192 -5.80 15.13 -8.45
CA VAL A 192 -6.47 15.21 -9.77
C VAL A 192 -7.97 15.07 -9.55
N TRP A 193 -8.39 13.91 -9.05
CA TRP A 193 -9.82 13.65 -8.78
C TRP A 193 -10.50 14.61 -7.75
N LYS A 194 -9.69 15.36 -6.96
CA LYS A 194 -10.17 16.34 -5.96
C LYS A 194 -10.23 17.81 -6.43
N ALA A 195 -9.18 18.27 -7.10
CA ALA A 195 -9.10 19.67 -7.57
C ALA A 195 -8.53 19.77 -8.99
N PHE A 196 -8.95 18.85 -9.85
CA PHE A 196 -8.86 19.01 -11.31
C PHE A 196 -10.29 19.25 -11.82
N SER A 197 -10.42 19.79 -13.02
CA SER A 197 -11.71 20.16 -13.64
C SER A 197 -12.77 19.07 -13.95
N PRO A 198 -12.44 17.76 -13.90
CA PRO A 198 -13.46 16.71 -14.14
C PRO A 198 -14.47 16.46 -13.03
N THR A 199 -15.27 17.48 -12.76
CA THR A 199 -16.62 17.24 -12.26
C THR A 199 -17.61 17.08 -13.43
N THR A 200 -17.30 17.64 -14.61
CA THR A 200 -18.22 17.66 -15.79
C THR A 200 -19.07 16.41 -16.07
N VAL A 201 -18.46 15.24 -15.90
CA VAL A 201 -19.10 13.94 -16.24
C VAL A 201 -18.84 12.94 -15.09
N ASN A 202 -19.70 11.90 -15.02
CA ASN A 202 -19.55 10.76 -14.08
C ASN A 202 -20.12 11.09 -12.68
N THR A 203 -20.03 10.12 -11.76
CA THR A 203 -20.31 10.31 -10.33
C THR A 203 -19.54 11.51 -9.74
N GLY A 204 -18.27 11.64 -10.13
CA GLY A 204 -17.39 12.73 -9.68
C GLY A 204 -17.95 14.12 -9.98
N ARG A 205 -18.45 14.77 -8.92
CA ARG A 205 -19.24 16.04 -8.95
C ARG A 205 -20.32 16.11 -10.09
N GLY A 206 -20.97 17.26 -10.23
CA GLY A 206 -22.10 17.42 -11.16
C GLY A 206 -23.33 18.02 -10.51
N MET A 207 -24.26 17.14 -10.12
CA MET A 207 -25.64 17.50 -9.73
C MET A 207 -26.41 18.15 -10.90
N GLU A 208 -26.08 17.74 -12.13
CA GLU A 208 -26.73 18.22 -13.37
C GLU A 208 -27.19 17.02 -14.19
N PHE A 209 -28.40 17.12 -14.75
CA PHE A 209 -28.99 16.03 -15.55
C PHE A 209 -28.40 15.96 -16.97
N GLU A 210 -27.79 17.04 -17.43
CA GLU A 210 -27.12 17.11 -18.76
C GLU A 210 -25.74 17.81 -18.64
N GLY A 211 -25.08 18.00 -19.78
CA GLY A 211 -23.74 18.64 -19.87
C GLY A 211 -23.44 19.82 -18.95
N ALA A 212 -23.98 20.99 -19.28
CA ALA A 212 -23.83 22.24 -18.46
C ALA A 212 -22.36 22.70 -18.25
N ILE A 213 -22.13 23.63 -17.31
CA ILE A 213 -20.75 24.00 -16.88
C ILE A 213 -20.47 23.40 -15.50
N ILE A 214 -19.44 22.57 -15.43
CA ILE A 214 -19.20 21.68 -14.29
C ILE A 214 -17.68 21.42 -14.11
N ALA A 215 -17.02 22.28 -13.31
CA ALA A 215 -15.62 22.10 -12.78
C ALA A 215 -15.58 22.36 -11.25
N LEU A 216 -14.71 21.63 -10.53
CA LEU A 216 -14.71 21.61 -9.04
C LEU A 216 -14.82 23.01 -8.41
N PHE A 217 -14.13 23.97 -9.04
CA PHE A 217 -14.14 25.39 -8.65
C PHE A 217 -15.28 26.21 -9.28
N HIS A 218 -15.70 25.87 -10.50
CA HIS A 218 -16.81 26.57 -11.18
C HIS A 218 -18.16 26.50 -10.44
N LEU A 219 -18.45 25.36 -9.81
CA LEU A 219 -19.67 25.21 -8.97
C LEU A 219 -19.56 25.93 -7.60
N LEU A 220 -18.34 26.04 -7.06
CA LEU A 220 -18.09 26.85 -5.84
C LEU A 220 -18.32 28.37 -6.04
N ALA A 221 -18.32 28.82 -7.29
CA ALA A 221 -18.68 30.20 -7.64
C ALA A 221 -20.21 30.41 -7.76
N THR A 222 -20.93 29.40 -8.27
CA THR A 222 -22.40 29.48 -8.49
C THR A 222 -23.28 28.95 -7.33
N ARG A 223 -22.78 28.00 -6.54
CA ARG A 223 -23.50 27.51 -5.33
C ARG A 223 -23.51 28.52 -4.16
N THR A 224 -22.62 29.51 -4.17
CA THR A 224 -22.55 30.57 -3.14
C THR A 224 -23.70 31.59 -3.23
N ASP A 225 -24.26 31.78 -4.42
CA ASP A 225 -25.29 32.81 -4.68
C ASP A 225 -26.60 32.54 -3.95
N LYS A 226 -27.11 31.31 -4.08
CA LYS A 226 -28.40 30.90 -3.48
C LYS A 226 -28.19 29.75 -2.46
N VAL A 227 -28.87 28.60 -2.61
CA VAL A 227 -28.71 27.47 -1.67
C VAL A 227 -27.54 26.56 -2.06
N ARG A 228 -26.79 26.09 -1.06
CA ARG A 228 -25.84 25.00 -1.24
C ARG A 228 -26.59 23.68 -1.51
N ALA A 229 -27.71 23.50 -0.81
CA ALA A 229 -28.53 22.27 -0.78
C ALA A 229 -28.01 21.19 0.19
N LEU A 230 -26.88 21.44 0.85
CA LEU A 230 -26.13 20.42 1.60
C LEU A 230 -26.26 20.59 3.12
N ARG A 231 -26.94 19.63 3.76
CA ARG A 231 -27.15 19.64 5.21
C ARG A 231 -27.16 18.21 5.77
N GLU A 232 -27.29 18.09 7.09
CA GLU A 232 -27.39 16.81 7.78
C GLU A 232 -28.76 16.16 7.52
N ALA A 233 -28.83 15.35 6.46
CA ALA A 233 -30.07 14.67 6.05
C ALA A 233 -29.77 13.46 5.15
N PHE A 234 -30.83 12.79 4.70
CA PHE A 234 -30.69 11.65 3.79
C PHE A 234 -30.24 12.06 2.36
N TYR A 235 -30.64 13.26 1.91
CA TYR A 235 -30.17 13.87 0.63
C TYR A 235 -30.70 13.14 -0.62
N ARG A 236 -30.58 13.81 -1.77
CA ARG A 236 -30.82 13.24 -3.11
C ARG A 236 -29.97 11.99 -3.49
N GLN A 237 -28.82 11.80 -2.84
CA GLN A 237 -27.83 10.76 -3.20
C GLN A 237 -27.12 10.95 -4.56
N ASN A 238 -25.96 10.30 -4.71
CA ASN A 238 -25.02 10.50 -5.81
C ASN A 238 -24.45 11.89 -5.63
N LEU A 239 -25.18 12.88 -6.14
CA LEU A 239 -24.72 14.25 -6.16
C LEU A 239 -23.28 14.27 -6.67
N PRO A 240 -22.55 15.29 -6.25
CA PRO A 240 -21.12 15.40 -6.31
C PRO A 240 -20.15 14.73 -5.30
N ASN A 241 -18.85 14.98 -5.51
CA ASN A 241 -17.72 14.43 -4.74
C ASN A 241 -16.96 15.43 -3.85
N LEU A 242 -16.96 16.72 -4.20
CA LEU A 242 -16.27 17.77 -3.43
C LEU A 242 -16.72 17.77 -1.97
N MET A 243 -18.02 17.64 -1.74
CA MET A 243 -18.53 17.52 -0.39
C MET A 243 -17.97 16.27 0.27
N ASN A 244 -17.82 15.19 -0.49
CA ASN A 244 -17.20 14.00 0.05
C ASN A 244 -15.77 14.32 0.46
N LEU A 245 -15.13 15.16 -0.35
CA LEU A 245 -13.68 15.46 -0.25
C LEU A 245 -13.23 15.79 1.17
N ILE A 246 -13.99 16.64 1.84
CA ILE A 246 -13.69 17.08 3.21
C ILE A 246 -13.76 15.87 4.18
N ALA A 247 -14.60 14.89 3.86
CA ALA A 247 -14.63 13.60 4.56
C ALA A 247 -13.31 12.83 4.34
N THR A 248 -12.88 12.77 3.09
CA THR A 248 -11.59 12.17 2.73
C THR A 248 -10.41 12.82 3.44
N ILE A 249 -10.50 14.13 3.68
CA ILE A 249 -9.53 14.83 4.53
C ILE A 249 -9.74 14.47 6.02
N PHE A 250 -11.00 14.23 6.41
CA PHE A 250 -11.34 13.81 7.78
C PHE A 250 -10.80 12.44 8.23
N VAL A 251 -10.91 11.42 7.38
CA VAL A 251 -10.27 10.11 7.65
C VAL A 251 -8.74 10.18 7.52
N PHE A 252 -8.25 11.03 6.61
CA PHE A 252 -6.83 11.41 6.60
C PHE A 252 -6.46 11.87 8.02
N ALA A 253 -7.16 12.90 8.50
CA ALA A 253 -6.88 13.53 9.81
C ALA A 253 -7.16 12.68 11.05
N VAL A 254 -7.90 11.56 10.91
CA VAL A 254 -8.00 10.56 11.99
C VAL A 254 -6.97 9.42 11.85
N VAL A 255 -6.59 9.09 10.62
CA VAL A 255 -5.56 8.07 10.38
C VAL A 255 -4.23 8.44 11.04
N ILE A 256 -3.83 9.69 10.81
CA ILE A 256 -2.58 10.23 11.36
C ILE A 256 -2.47 10.02 12.87
N TYR A 257 -3.60 10.15 13.55
CA TYR A 257 -3.71 9.95 15.00
C TYR A 257 -3.32 8.52 15.36
N PHE A 258 -3.84 7.55 14.61
CA PHE A 258 -3.54 6.15 14.86
C PHE A 258 -2.18 5.69 14.33
N GLN A 259 -1.62 6.44 13.39
CA GLN A 259 -0.23 6.21 13.01
C GLN A 259 0.81 6.66 14.03
N GLY A 260 0.39 7.43 15.03
CA GLY A 260 1.22 7.71 16.18
C GLY A 260 1.21 6.56 17.19
N PHE A 261 0.01 6.24 17.67
CA PHE A 261 -0.27 5.12 18.59
C PHE A 261 0.71 3.92 18.54
N ARG A 262 1.51 3.73 19.54
CA ARG A 262 2.45 2.63 19.74
C ARG A 262 2.69 2.37 21.22
N VAL A 263 3.15 1.16 21.51
CA VAL A 263 3.57 0.73 22.82
C VAL A 263 5.08 0.58 22.79
N ASP A 264 5.74 1.08 23.84
CA ASP A 264 7.20 1.02 23.97
C ASP A 264 7.63 0.04 25.05
N LEU A 265 8.66 -0.74 24.73
CA LEU A 265 9.26 -1.67 25.65
C LEU A 265 10.70 -1.27 25.80
N PRO A 266 11.18 -1.18 27.09
CA PRO A 266 12.59 -0.76 27.17
C PRO A 266 13.49 -1.81 26.54
N ILE A 267 14.50 -1.36 25.81
CA ILE A 267 15.51 -2.26 25.27
C ILE A 267 16.89 -1.70 25.53
N LYS A 268 17.93 -2.01 26.79
CA LYS A 268 19.35 -1.69 26.85
C LYS A 268 20.14 -2.89 26.34
N SER A 269 20.99 -2.69 25.34
CA SER A 269 21.69 -3.81 24.74
C SER A 269 22.44 -4.51 25.85
N ALA A 270 22.96 -5.70 25.58
CA ALA A 270 24.01 -6.25 26.42
C ALA A 270 25.28 -5.45 26.17
N ARG A 271 26.27 -5.66 27.03
CA ARG A 271 27.58 -5.02 26.94
C ARG A 271 27.65 -3.54 26.61
N TYR A 272 26.74 -2.75 27.18
CA TYR A 272 26.85 -1.30 27.10
C TYR A 272 26.11 -0.64 28.24
N ARG A 273 26.83 -0.02 29.17
CA ARG A 273 26.20 0.62 30.34
C ARG A 273 25.08 1.55 29.87
N GLY A 274 23.87 1.30 30.39
CA GLY A 274 22.69 2.19 30.26
C GLY A 274 22.45 3.04 29.01
N GLN A 275 22.48 2.43 27.83
CA GLN A 275 22.20 3.10 26.55
C GLN A 275 20.78 2.72 26.04
N TYR A 276 19.81 3.60 26.27
CA TYR A 276 18.40 3.24 26.25
C TYR A 276 17.71 3.23 24.88
N ASN A 277 17.97 2.18 24.11
CA ASN A 277 17.23 1.93 22.89
C ASN A 277 15.81 1.44 23.17
N THR A 278 14.85 1.87 22.35
CA THR A 278 13.47 1.40 22.43
C THR A 278 13.09 0.48 21.28
N TYR A 279 12.05 -0.30 21.50
CA TYR A 279 11.45 -1.17 20.52
C TYR A 279 9.96 -0.88 20.52
N PRO A 280 9.41 -0.43 19.37
CA PRO A 280 7.99 -0.10 19.33
C PRO A 280 7.12 -1.25 18.81
N ILE A 281 6.05 -1.55 19.56
CA ILE A 281 4.99 -2.42 19.08
C ILE A 281 3.85 -1.49 18.71
N LYS A 282 3.54 -1.39 17.43
CA LYS A 282 2.58 -0.38 16.95
C LYS A 282 1.17 -0.95 16.74
N LEU A 283 0.53 0.13 17.28
CA LEU A 283 -0.85 -0.32 17.46
C LEU A 283 -1.42 -1.07 16.28
N PHE A 284 -1.23 -0.51 15.09
CA PHE A 284 -1.69 -1.19 13.88
C PHE A 284 -0.99 -2.51 13.71
N TYR A 285 0.33 -2.45 13.59
CA TYR A 285 1.14 -3.65 13.41
C TYR A 285 0.72 -4.34 12.10
N THR A 286 1.38 -5.45 11.76
CA THR A 286 1.13 -6.17 10.51
C THR A 286 1.15 -5.24 9.26
N SER A 287 1.64 -4.01 9.46
CA SER A 287 1.27 -2.82 8.64
C SER A 287 -0.19 -2.80 8.12
N ASN A 288 -1.07 -3.61 8.73
CA ASN A 288 -2.37 -4.02 8.14
C ASN A 288 -2.46 -4.03 6.60
N ILE A 289 -1.41 -4.55 5.95
CA ILE A 289 -1.41 -4.79 4.51
C ILE A 289 -2.09 -6.14 4.18
N PRO A 290 -1.65 -7.27 4.80
CA PRO A 290 -2.18 -8.58 4.37
C PRO A 290 -3.66 -8.83 4.72
N ILE A 291 -4.17 -8.07 5.70
CA ILE A 291 -5.54 -8.20 6.16
C ILE A 291 -6.55 -7.78 5.09
N ILE A 292 -6.28 -6.66 4.43
CA ILE A 292 -7.14 -6.17 3.36
C ILE A 292 -6.96 -7.08 2.13
N LEU A 293 -5.75 -7.61 1.93
CA LEU A 293 -5.54 -8.64 0.90
C LEU A 293 -6.44 -9.84 1.18
N GLN A 294 -6.49 -10.29 2.43
CA GLN A 294 -7.49 -11.32 2.81
C GLN A 294 -8.93 -10.86 2.56
N SER A 295 -9.24 -9.61 2.92
CA SER A 295 -10.56 -9.04 2.65
C SER A 295 -10.94 -9.10 1.17
N ALA A 296 -9.96 -8.87 0.28
CA ALA A 296 -10.15 -9.08 -1.16
C ALA A 296 -10.24 -10.58 -1.53
N LEU A 297 -9.40 -11.43 -0.92
CA LEU A 297 -9.40 -12.89 -1.21
C LEU A 297 -10.67 -13.63 -0.84
N VAL A 298 -11.21 -13.34 0.36
CA VAL A 298 -12.51 -13.91 0.76
C VAL A 298 -13.70 -13.41 -0.10
N SER A 299 -13.51 -12.26 -0.79
CA SER A 299 -14.42 -11.83 -1.86
C SER A 299 -14.15 -12.57 -3.18
N ASN A 300 -12.87 -12.79 -3.52
CA ASN A 300 -12.49 -13.53 -4.74
C ASN A 300 -12.81 -15.04 -4.76
N LEU A 301 -12.67 -15.72 -3.62
CA LEU A 301 -13.11 -17.14 -3.51
C LEU A 301 -14.62 -17.32 -3.41
N TYR A 302 -15.30 -16.37 -2.77
CA TYR A 302 -16.76 -16.44 -2.58
C TYR A 302 -17.55 -16.15 -3.87
N VAL A 303 -17.09 -15.21 -4.68
CA VAL A 303 -17.82 -14.75 -5.88
C VAL A 303 -17.55 -15.62 -7.14
N ILE A 304 -16.47 -16.39 -7.17
CA ILE A 304 -16.19 -17.36 -8.27
C ILE A 304 -16.89 -18.71 -8.05
N SER A 305 -16.88 -19.21 -6.80
CA SER A 305 -17.53 -20.49 -6.46
C SER A 305 -19.06 -20.52 -6.61
N GLN A 306 -19.69 -19.35 -6.81
CA GLN A 306 -21.10 -19.27 -7.27
C GLN A 306 -21.20 -19.47 -8.79
N MET A 307 -20.20 -19.00 -9.54
CA MET A 307 -20.10 -19.26 -11.00
C MET A 307 -19.63 -20.70 -11.29
N LEU A 308 -18.85 -21.31 -10.38
CA LEU A 308 -18.53 -22.75 -10.45
C LEU A 308 -19.76 -23.65 -10.21
N SER A 309 -20.69 -23.22 -9.36
CA SER A 309 -21.90 -24.00 -9.03
C SER A 309 -22.96 -24.07 -10.15
N ALA A 310 -22.96 -23.10 -11.07
CA ALA A 310 -23.88 -23.07 -12.23
C ALA A 310 -23.54 -24.12 -13.30
N ARG A 311 -22.25 -24.43 -13.46
CA ARG A 311 -21.78 -25.40 -14.47
C ARG A 311 -22.08 -26.86 -14.10
N PHE A 312 -21.98 -27.19 -12.81
CA PHE A 312 -22.20 -28.57 -12.33
C PHE A 312 -23.69 -28.94 -12.38
N PRO A 337 -25.41 -16.55 -8.81
CA PRO A 337 -26.44 -15.70 -8.23
C PRO A 337 -25.93 -14.30 -7.88
N VAL A 338 -26.26 -13.33 -8.73
CA VAL A 338 -26.01 -11.90 -8.44
C VAL A 338 -26.88 -11.36 -7.29
N GLY A 339 -28.03 -12.01 -7.05
CA GLY A 339 -28.91 -11.68 -5.93
C GLY A 339 -28.48 -12.25 -4.59
N GLY A 340 -29.00 -13.43 -4.26
CA GLY A 340 -28.91 -14.03 -2.92
C GLY A 340 -27.56 -14.08 -2.21
N LEU A 341 -26.52 -14.55 -2.91
CA LEU A 341 -25.18 -14.75 -2.31
C LEU A 341 -24.45 -13.43 -2.03
N CYS A 342 -24.39 -12.55 -3.02
CA CYS A 342 -23.79 -11.20 -2.85
C CYS A 342 -24.68 -10.23 -2.03
N HIS A 343 -26.00 -10.47 -1.96
CA HIS A 343 -26.91 -9.62 -1.15
C HIS A 343 -26.69 -9.69 0.37
N TYR A 344 -26.06 -10.75 0.88
CA TYR A 344 -25.68 -10.79 2.31
C TYR A 344 -24.19 -10.47 2.59
N LEU A 345 -23.29 -10.84 1.68
CA LEU A 345 -21.85 -10.54 1.86
C LEU A 345 -21.52 -9.05 1.67
N SER A 346 -21.32 -8.62 0.43
CA SER A 346 -20.78 -7.28 0.12
C SER A 346 -21.76 -6.15 0.49
N PRO A 347 -21.26 -4.89 0.59
CA PRO A 347 -22.11 -3.84 1.16
C PRO A 347 -23.24 -3.35 0.24
N PRO A 348 -24.23 -2.64 0.81
CA PRO A 348 -25.29 -2.04 -0.03
C PRO A 348 -24.79 -0.85 -0.86
N GLU A 349 -23.80 -0.13 -0.32
CA GLU A 349 -23.30 1.13 -0.88
C GLU A 349 -24.43 2.18 -0.96
N SER A 350 -25.36 2.10 -0.01
CA SER A 350 -26.38 3.11 0.21
C SER A 350 -25.85 3.97 1.34
N PHE A 351 -25.78 5.28 1.10
CA PHE A 351 -25.28 6.28 2.06
C PHE A 351 -25.67 6.05 3.55
N GLY A 352 -26.92 5.60 3.79
CA GLY A 352 -27.52 5.61 5.13
C GLY A 352 -27.20 4.39 5.97
N SER A 353 -27.62 4.43 7.25
CA SER A 353 -27.30 3.39 8.24
C SER A 353 -28.06 2.07 7.98
N VAL A 354 -29.32 2.00 8.40
CA VAL A 354 -30.13 0.79 8.26
C VAL A 354 -30.73 0.72 6.85
N LEU A 355 -31.10 1.89 6.29
CA LEU A 355 -31.76 2.04 4.98
C LEU A 355 -33.02 1.15 4.86
N GLU A 356 -33.44 0.78 3.65
CA GLU A 356 -34.63 -0.07 3.47
C GLU A 356 -34.41 -1.52 3.93
N ASP A 357 -33.21 -2.05 3.72
CA ASP A 357 -32.85 -3.43 4.03
C ASP A 357 -31.88 -3.48 5.23
N PRO A 358 -32.36 -3.90 6.43
CA PRO A 358 -31.48 -3.98 7.62
C PRO A 358 -30.50 -5.15 7.60
N VAL A 359 -30.92 -6.30 7.07
CA VAL A 359 -30.13 -7.55 7.07
C VAL A 359 -28.85 -7.42 6.23
N HIS A 360 -28.88 -6.60 5.17
CA HIS A 360 -27.70 -6.31 4.35
C HIS A 360 -26.63 -5.55 5.17
N ALA A 361 -27.10 -4.66 6.06
CA ALA A 361 -26.21 -3.86 6.92
C ALA A 361 -25.57 -4.63 8.09
N VAL A 362 -26.28 -5.62 8.64
CA VAL A 362 -25.79 -6.40 9.80
C VAL A 362 -24.72 -7.44 9.41
N VAL A 363 -24.95 -8.17 8.32
CA VAL A 363 -24.07 -9.28 7.89
C VAL A 363 -22.74 -8.76 7.32
N TYR A 364 -22.79 -7.68 6.55
CA TYR A 364 -21.59 -7.09 5.92
C TYR A 364 -20.50 -6.70 6.94
N ILE A 365 -20.90 -6.04 8.02
CA ILE A 365 -19.94 -5.38 8.91
C ILE A 365 -19.19 -6.40 9.77
N VAL A 366 -19.90 -7.03 10.70
CA VAL A 366 -19.30 -7.90 11.73
C VAL A 366 -18.38 -8.95 11.11
N PHE A 367 -18.84 -9.55 10.01
CA PHE A 367 -18.06 -10.57 9.29
C PHE A 367 -16.73 -10.02 8.77
N MET A 368 -16.74 -8.78 8.27
CA MET A 368 -15.51 -8.15 7.77
C MET A 368 -14.53 -7.86 8.90
N LEU A 369 -15.02 -7.23 9.97
CA LEU A 369 -14.20 -6.94 11.16
C LEU A 369 -13.72 -8.21 11.87
N GLY A 370 -14.50 -9.29 11.80
CA GLY A 370 -14.08 -10.59 12.30
C GLY A 370 -13.01 -11.23 11.42
N SER A 371 -13.34 -11.42 10.14
CA SER A 371 -12.43 -12.08 9.19
C SER A 371 -11.14 -11.31 8.91
N CYS A 372 -11.18 -9.98 9.08
CA CYS A 372 -9.96 -9.16 9.00
C CYS A 372 -9.03 -9.44 10.19
N ALA A 373 -9.64 -9.46 11.37
CA ALA A 373 -8.92 -9.72 12.62
C ALA A 373 -8.36 -11.14 12.64
N PHE A 374 -9.22 -12.12 12.40
CA PHE A 374 -8.81 -13.53 12.34
C PHE A 374 -7.54 -13.70 11.53
N PHE A 375 -7.52 -13.11 10.33
CA PHE A 375 -6.36 -13.20 9.42
C PHE A 375 -5.12 -12.48 9.98
N SER A 376 -5.34 -11.38 10.72
CA SER A 376 -4.22 -10.70 11.40
C SER A 376 -3.52 -11.62 12.39
N LYS A 377 -4.31 -12.20 13.30
CA LYS A 377 -3.79 -13.13 14.32
C LYS A 377 -3.12 -14.39 13.75
N THR A 378 -3.45 -14.75 12.52
CA THR A 378 -2.73 -15.82 11.83
C THR A 378 -1.48 -15.29 11.17
N TRP A 379 -1.55 -14.11 10.54
CA TRP A 379 -0.37 -13.53 9.90
C TRP A 379 0.86 -13.61 10.80
N ILE A 380 0.71 -13.15 12.03
CA ILE A 380 1.80 -13.14 13.02
C ILE A 380 2.41 -14.53 13.27
N GLU A 381 1.59 -15.59 13.23
CA GLU A 381 2.10 -16.96 13.36
C GLU A 381 2.98 -17.38 12.18
N VAL A 382 2.95 -16.63 11.08
CA VAL A 382 3.77 -16.93 9.93
C VAL A 382 4.95 -15.96 9.88
N SER A 383 4.70 -14.70 9.48
CA SER A 383 5.79 -13.78 9.11
C SER A 383 6.52 -13.23 10.33
N GLY A 384 7.37 -14.07 10.91
CA GLY A 384 8.08 -13.73 12.13
C GLY A 384 7.11 -13.06 13.07
N SER A 385 7.40 -11.80 13.38
CA SER A 385 6.52 -10.88 14.12
C SER A 385 5.50 -11.54 15.05
N SER A 386 6.01 -12.45 15.88
CA SER A 386 5.25 -13.10 16.92
C SER A 386 5.96 -12.78 18.20
N ALA A 387 5.50 -13.37 19.28
CA ALA A 387 6.26 -13.37 20.49
C ALA A 387 7.60 -14.05 20.21
N LYS A 388 7.54 -15.32 19.87
CA LYS A 388 8.71 -16.19 19.88
C LYS A 388 9.83 -15.71 18.98
N ASP A 389 9.45 -15.16 17.84
CA ASP A 389 10.41 -14.79 16.81
C ASP A 389 11.14 -13.50 17.13
N VAL A 390 10.40 -12.50 17.58
CA VAL A 390 11.02 -11.20 17.84
C VAL A 390 12.17 -11.43 18.78
N ALA A 391 11.90 -12.17 19.85
CA ALA A 391 12.92 -12.47 20.83
C ALA A 391 14.18 -12.98 20.15
N LYS A 392 14.04 -13.99 19.30
CA LYS A 392 15.18 -14.51 18.58
C LYS A 392 15.87 -13.33 17.93
N GLN A 393 15.11 -12.60 17.13
CA GLN A 393 15.62 -11.47 16.39
C GLN A 393 16.47 -10.55 17.26
N LEU A 394 16.00 -10.26 18.47
CA LEU A 394 16.74 -9.43 19.44
C LEU A 394 17.94 -10.14 19.97
N LYS A 395 17.73 -11.40 20.36
CA LYS A 395 18.75 -12.22 21.00
C LYS A 395 19.97 -12.33 20.10
N GLU A 396 19.70 -12.49 18.80
CA GLU A 396 20.72 -12.34 17.80
C GLU A 396 21.50 -11.07 18.08
N GLN A 397 20.88 -9.90 17.97
CA GLN A 397 21.67 -8.66 18.05
C GLN A 397 21.97 -8.22 19.48
N GLN A 398 21.74 -9.12 20.43
CA GLN A 398 22.19 -8.97 21.79
C GLN A 398 21.53 -7.78 22.50
N MET A 399 20.21 -7.92 22.61
CA MET A 399 19.35 -6.96 23.29
C MET A 399 18.50 -7.66 24.33
N VAL A 400 18.07 -6.89 25.33
CA VAL A 400 17.32 -7.47 26.43
C VAL A 400 16.43 -6.45 27.17
N MET A 401 15.47 -6.97 27.92
CA MET A 401 14.66 -6.15 28.82
C MET A 401 15.58 -5.68 29.94
N ARG A 402 15.26 -4.54 30.53
CA ARG A 402 16.13 -3.92 31.51
C ARG A 402 16.35 -4.80 32.74
N GLY A 403 15.29 -5.44 33.22
CA GLY A 403 15.41 -6.34 34.35
C GLY A 403 14.72 -7.67 34.16
N HIS A 404 15.25 -8.50 33.27
CA HIS A 404 14.69 -9.83 33.06
C HIS A 404 15.70 -10.82 32.48
N ARG A 405 15.45 -12.11 32.68
CA ARG A 405 16.17 -13.15 31.98
C ARG A 405 15.58 -13.20 30.57
N GLU A 406 16.36 -13.66 29.61
CA GLU A 406 15.95 -13.63 28.22
C GLU A 406 14.55 -14.21 28.04
N THR A 407 14.38 -15.47 28.37
CA THR A 407 13.13 -16.16 28.16
C THR A 407 11.91 -15.31 28.52
N SER A 408 11.95 -14.66 29.67
CA SER A 408 10.82 -13.84 30.18
C SER A 408 10.36 -12.78 29.19
N MET A 409 11.30 -12.27 28.40
CA MET A 409 10.98 -11.37 27.33
C MET A 409 9.74 -11.81 26.58
N VAL A 410 9.79 -13.05 26.09
CA VAL A 410 8.66 -13.65 25.42
C VAL A 410 7.43 -13.24 26.18
N HIS A 411 7.35 -13.61 27.45
CA HIS A 411 6.16 -13.32 28.24
C HIS A 411 5.86 -11.83 28.34
N GLU A 412 6.88 -11.02 28.62
CA GLU A 412 6.64 -9.62 28.94
C GLU A 412 6.23 -8.79 27.73
N LEU A 413 6.68 -9.17 26.53
CA LEU A 413 6.17 -8.51 25.33
C LEU A 413 5.01 -9.25 24.64
N ASN A 414 4.89 -10.56 24.87
CA ASN A 414 3.82 -11.38 24.25
C ASN A 414 2.46 -10.74 24.54
N ARG A 415 2.22 -10.39 25.80
CA ARG A 415 0.98 -9.75 26.17
C ARG A 415 0.72 -8.42 25.50
N TYR A 416 1.69 -7.87 24.78
CA TYR A 416 1.41 -6.78 23.88
C TYR A 416 1.12 -7.17 22.42
N ILE A 417 1.68 -8.27 21.91
CA ILE A 417 1.54 -8.52 20.47
C ILE A 417 0.15 -9.02 20.06
N PRO A 418 -0.24 -10.23 20.50
CA PRO A 418 -1.59 -10.69 20.30
C PRO A 418 -2.67 -9.65 20.31
N THR A 419 -2.77 -8.84 21.36
CA THR A 419 -3.84 -7.86 21.39
C THR A 419 -3.72 -7.00 20.17
N ALA A 420 -2.55 -6.44 19.97
CA ALA A 420 -2.31 -5.53 18.88
C ALA A 420 -2.73 -6.11 17.56
N ALA A 421 -2.14 -7.27 17.23
CA ALA A 421 -2.38 -7.91 15.93
C ALA A 421 -3.84 -7.86 15.55
N ALA A 422 -4.68 -8.29 16.49
CA ALA A 422 -6.09 -8.34 16.30
C ALA A 422 -6.74 -6.95 16.32
N PHE A 423 -6.50 -6.20 17.40
CA PHE A 423 -7.19 -4.93 17.63
C PHE A 423 -6.91 -3.92 16.53
N GLY A 424 -5.72 -3.98 15.94
CA GLY A 424 -5.47 -3.25 14.71
C GLY A 424 -6.50 -3.59 13.64
N GLY A 425 -6.59 -4.88 13.32
CA GLY A 425 -7.55 -5.42 12.36
C GLY A 425 -8.93 -4.89 12.65
N LEU A 426 -9.40 -5.12 13.88
CA LEU A 426 -10.72 -4.61 14.31
C LEU A 426 -10.88 -3.08 14.25
N CYS A 427 -9.77 -2.34 14.27
CA CYS A 427 -9.79 -0.89 13.99
C CYS A 427 -9.72 -0.55 12.48
N ILE A 428 -9.18 -1.44 11.66
CA ILE A 428 -9.10 -1.25 10.21
C ILE A 428 -10.36 -1.70 9.46
N GLY A 429 -11.01 -2.76 9.94
CA GLY A 429 -12.33 -3.15 9.47
C GLY A 429 -13.35 -2.05 9.63
N ALA A 430 -13.38 -1.41 10.80
CA ALA A 430 -14.24 -0.24 11.07
C ALA A 430 -13.81 1.02 10.29
N LEU A 431 -12.53 1.11 9.94
CA LEU A 431 -12.01 2.18 9.08
C LEU A 431 -12.28 1.98 7.57
N SER A 432 -12.42 0.72 7.13
CA SER A 432 -13.01 0.42 5.81
C SER A 432 -14.48 0.82 5.79
N VAL A 433 -15.14 0.62 6.93
CA VAL A 433 -16.53 1.04 7.15
C VAL A 433 -16.71 2.57 7.14
N LEU A 434 -15.87 3.32 7.83
CA LEU A 434 -15.95 4.76 7.64
C LEU A 434 -15.69 5.15 6.17
N ALA A 435 -14.71 4.53 5.51
CA ALA A 435 -14.40 4.85 4.10
C ALA A 435 -15.49 4.52 3.06
N ASP A 436 -16.07 3.32 3.17
CA ASP A 436 -17.28 2.90 2.42
C ASP A 436 -18.57 3.70 2.73
N PHE A 437 -18.89 3.87 4.02
CA PHE A 437 -20.07 4.67 4.42
C PHE A 437 -19.89 6.14 4.10
N LEU A 438 -18.69 6.67 4.33
CA LEU A 438 -18.37 8.05 3.90
C LEU A 438 -18.45 8.23 2.39
N GLY A 439 -18.09 7.18 1.65
CA GLY A 439 -17.95 7.26 0.20
C GLY A 439 -16.81 8.20 -0.14
N ALA A 440 -15.75 8.14 0.66
CA ALA A 440 -14.65 9.11 0.60
C ALA A 440 -13.92 9.00 -0.74
N ILE A 441 -13.23 10.06 -1.11
CA ILE A 441 -12.57 10.18 -2.41
C ILE A 441 -11.46 9.12 -2.64
N GLY A 442 -10.76 8.75 -1.58
CA GLY A 442 -9.84 7.63 -1.63
C GLY A 442 -10.63 6.34 -1.84
N SER A 443 -11.79 6.26 -1.19
CA SER A 443 -12.75 5.15 -1.32
C SER A 443 -12.11 3.83 -0.89
N GLY A 444 -11.25 3.90 0.12
CA GLY A 444 -10.47 2.74 0.53
C GLY A 444 -9.68 2.95 1.81
N THR A 445 -9.10 1.86 2.28
CA THR A 445 -8.28 1.85 3.48
C THR A 445 -6.93 2.52 3.26
N GLY A 446 -6.43 2.44 2.02
CA GLY A 446 -5.11 2.99 1.65
C GLY A 446 -5.00 4.49 1.53
N ILE A 447 -5.58 5.20 2.49
CA ILE A 447 -5.28 6.60 2.74
C ILE A 447 -4.15 6.52 3.76
N LEU A 448 -4.41 5.75 4.82
CA LEU A 448 -3.41 5.14 5.70
C LEU A 448 -2.02 4.98 5.08
N LEU A 449 -1.99 4.27 3.96
CA LEU A 449 -0.74 3.97 3.30
C LEU A 449 0.03 5.24 2.92
N ALA A 450 -0.66 6.29 2.50
CA ALA A 450 0.00 7.57 2.19
C ALA A 450 0.71 8.12 3.41
N VAL A 451 -0.04 8.28 4.49
CA VAL A 451 0.46 8.92 5.71
C VAL A 451 1.60 8.08 6.31
N THR A 452 1.45 6.74 6.33
CA THR A 452 2.56 5.87 6.85
C THR A 452 3.89 6.27 6.24
N ILE A 453 3.85 6.48 4.94
CA ILE A 453 5.04 6.71 4.15
C ILE A 453 5.46 8.15 4.33
N ILE A 454 4.49 9.07 4.20
CA ILE A 454 4.69 10.49 4.46
C ILE A 454 5.48 10.71 5.75
N TYR A 455 5.02 10.09 6.84
CA TYR A 455 5.71 10.18 8.13
C TYR A 455 7.16 9.77 8.00
N GLN A 456 7.35 8.62 7.39
CA GLN A 456 8.66 8.00 7.18
C GLN A 456 9.60 8.94 6.39
N TYR A 457 9.09 9.54 5.32
CA TYR A 457 9.87 10.49 4.50
C TYR A 457 10.31 11.72 5.27
N PHE A 458 9.37 12.36 5.95
CA PHE A 458 9.67 13.60 6.67
C PHE A 458 10.74 13.36 7.74
N GLU A 459 10.57 12.27 8.48
CA GLU A 459 11.55 11.86 9.48
C GLU A 459 12.98 11.80 8.90
N ILE A 460 13.12 11.30 7.66
CA ILE A 460 14.41 11.34 6.95
C ILE A 460 14.85 12.76 6.68
N PHE A 461 13.93 13.61 6.22
CA PHE A 461 14.25 15.01 6.02
C PHE A 461 14.80 15.64 7.31
N VAL A 462 14.22 15.25 8.45
CA VAL A 462 14.73 15.70 9.77
C VAL A 462 16.09 15.06 10.13
N LYS A 463 16.24 13.75 9.88
CA LYS A 463 17.53 13.05 10.07
C LYS A 463 18.66 13.73 9.29
N GLU A 464 18.38 14.06 8.03
CA GLU A 464 19.36 14.69 7.13
C GLU A 464 19.51 16.19 7.39
N GLN A 465 18.44 16.82 7.88
CA GLN A 465 18.54 18.16 8.46
C GLN A 465 19.53 18.16 9.61
N SER A 466 19.41 17.17 10.49
CA SER A 466 20.39 16.96 11.58
C SER A 466 21.71 16.46 11.01
N PHE B 1 -20.58 -19.10 24.39
CA PHE B 1 -20.68 -18.02 23.37
C PHE B 1 -20.34 -16.65 23.98
N VAL B 2 -19.47 -15.87 23.31
CA VAL B 2 -19.15 -14.46 23.67
C VAL B 2 -18.29 -14.24 24.95
N GLU B 3 -18.12 -15.26 25.80
CA GLU B 3 -17.26 -15.18 26.99
C GLU B 3 -15.82 -14.74 26.66
N PRO B 4 -15.25 -15.23 25.53
CA PRO B 4 -13.94 -14.72 25.14
C PRO B 4 -13.91 -13.20 24.84
N SER B 5 -15.01 -12.65 24.31
CA SER B 5 -15.06 -11.24 23.92
C SER B 5 -14.96 -10.26 25.10
N ARG B 6 -15.58 -10.60 26.22
CA ARG B 6 -15.51 -9.76 27.42
C ARG B 6 -14.08 -9.70 27.98
N GLN B 7 -13.24 -10.70 27.64
CA GLN B 7 -11.81 -10.67 27.94
C GLN B 7 -10.97 -10.05 26.82
N PHE B 8 -11.39 -10.26 25.56
CA PHE B 8 -10.76 -9.58 24.43
C PHE B 8 -10.85 -8.06 24.58
N VAL B 9 -12.06 -7.56 24.79
CA VAL B 9 -12.26 -6.14 24.97
C VAL B 9 -11.43 -5.59 26.13
N LYS B 10 -11.40 -6.30 27.26
CA LYS B 10 -10.64 -5.86 28.43
C LYS B 10 -9.14 -5.92 28.17
N ASP B 11 -8.70 -6.92 27.41
CA ASP B 11 -7.29 -7.02 27.08
C ASP B 11 -6.88 -5.93 26.09
N SER B 12 -7.74 -5.62 25.12
CA SER B 12 -7.44 -4.60 24.13
C SER B 12 -7.64 -3.17 24.64
N ILE B 13 -8.50 -3.00 25.65
CA ILE B 13 -8.63 -1.69 26.34
C ILE B 13 -7.38 -1.35 27.19
N ARG B 14 -6.46 -2.32 27.36
CA ARG B 14 -5.20 -2.05 28.02
C ARG B 14 -4.36 -1.21 27.11
N LEU B 15 -4.05 -1.74 25.94
CA LEU B 15 -2.92 -1.23 25.17
C LEU B 15 -3.11 0.22 24.76
N VAL B 16 -4.37 0.66 24.74
CA VAL B 16 -4.68 2.06 24.46
C VAL B 16 -4.26 3.03 25.60
N LYS B 17 -4.46 2.60 26.84
CA LYS B 17 -3.97 3.35 28.02
C LYS B 17 -2.46 3.25 28.14
N ARG B 18 -1.90 2.14 27.69
CA ARG B 18 -0.47 1.95 27.73
C ARG B 18 0.28 2.71 26.64
N CYS B 19 -0.31 2.79 25.44
CA CYS B 19 0.36 3.42 24.29
C CYS B 19 0.75 4.86 24.50
N THR B 20 1.63 5.35 23.63
CA THR B 20 2.12 6.70 23.77
C THR B 20 1.06 7.76 23.47
N LYS B 21 0.33 7.63 22.35
CA LYS B 21 -0.61 8.65 21.87
C LYS B 21 0.05 10.02 21.59
N PRO B 22 -0.01 10.52 20.36
CA PRO B 22 0.55 11.85 20.08
C PRO B 22 -0.10 13.07 20.80
N ASP B 23 0.55 14.24 20.65
CA ASP B 23 -0.05 15.57 20.94
C ASP B 23 0.45 16.59 19.88
N ARG B 24 -0.18 17.77 19.80
CA ARG B 24 -0.17 18.54 18.54
C ARG B 24 1.21 18.71 17.86
N LYS B 25 2.28 18.89 18.63
CA LYS B 25 3.63 19.04 18.05
C LYS B 25 3.98 17.89 17.07
N GLU B 26 3.57 16.66 17.42
CA GLU B 26 3.65 15.49 16.50
C GLU B 26 2.46 15.43 15.54
N PHE B 27 1.29 15.90 16.01
CA PHE B 27 0.11 16.06 15.15
C PHE B 27 0.39 17.05 14.01
N GLN B 28 1.23 18.05 14.27
CA GLN B 28 1.60 19.03 13.26
C GLN B 28 2.62 18.46 12.27
N LYS B 29 3.53 17.60 12.76
CA LYS B 29 4.48 16.92 11.88
C LYS B 29 3.76 16.25 10.72
N ILE B 30 2.85 15.35 11.07
CA ILE B 30 2.09 14.57 10.09
C ILE B 30 1.12 15.41 9.24
N ALA B 31 0.63 16.52 9.79
CA ALA B 31 -0.23 17.46 9.06
C ALA B 31 0.58 18.22 8.01
N MET B 32 1.68 18.84 8.45
CA MET B 32 2.64 19.50 7.57
C MET B 32 3.10 18.54 6.48
N ALA B 33 3.54 17.35 6.92
CA ALA B 33 4.10 16.34 6.02
C ALA B 33 3.14 15.88 4.93
N THR B 34 1.83 15.98 5.17
CA THR B 34 0.82 15.74 4.13
C THR B 34 0.93 16.73 2.96
N ALA B 35 1.28 17.98 3.27
CA ALA B 35 1.50 19.01 2.24
C ALA B 35 2.71 18.73 1.36
N ILE B 36 3.70 18.01 1.89
CA ILE B 36 4.98 17.78 1.21
C ILE B 36 4.78 17.01 -0.10
N GLY B 37 4.15 15.85 -0.02
CA GLY B 37 3.98 14.98 -1.19
C GLY B 37 3.18 15.65 -2.28
N PHE B 38 1.93 15.97 -1.95
CA PHE B 38 1.05 16.85 -2.74
C PHE B 38 1.74 17.73 -3.78
N ALA B 39 2.68 18.56 -3.33
CA ALA B 39 3.32 19.59 -4.17
C ALA B 39 4.27 19.06 -5.24
N ILE B 40 4.81 17.85 -5.04
CA ILE B 40 5.77 17.25 -5.97
C ILE B 40 5.08 16.40 -7.07
N MET B 41 3.96 15.77 -6.73
CA MET B 41 3.33 14.75 -7.59
C MET B 41 2.71 15.33 -8.85
N GLY B 42 1.81 16.30 -8.64
CA GLY B 42 0.94 16.84 -9.69
C GLY B 42 1.59 17.06 -11.05
N PHE B 43 2.50 18.04 -11.12
CA PHE B 43 3.15 18.51 -12.36
C PHE B 43 3.15 17.52 -13.54
N ILE B 44 3.70 16.33 -13.31
CA ILE B 44 3.88 15.31 -14.35
C ILE B 44 2.54 14.72 -14.79
N GLY B 45 1.73 14.27 -13.81
CA GLY B 45 0.38 13.75 -14.08
C GLY B 45 -0.55 14.62 -14.91
N PHE B 46 -0.18 15.88 -15.12
CA PHE B 46 -0.85 16.81 -16.05
C PHE B 46 -0.12 16.96 -17.41
N PHE B 47 1.22 16.87 -17.42
CA PHE B 47 1.99 16.81 -18.69
C PHE B 47 1.65 15.57 -19.52
N VAL B 48 1.55 14.43 -18.82
CA VAL B 48 1.24 13.13 -19.43
C VAL B 48 0.01 13.13 -20.35
N LYS B 49 -1.07 13.77 -19.90
CA LYS B 49 -2.38 13.73 -20.57
C LYS B 49 -2.49 14.67 -21.79
N LEU B 50 -1.79 15.82 -21.74
CA LEU B 50 -1.87 16.85 -22.79
C LEU B 50 -1.26 16.42 -24.14
N ILE B 51 -0.36 15.43 -24.12
CA ILE B 51 0.33 14.97 -25.34
C ILE B 51 -0.59 14.12 -26.25
N HIS B 52 -1.57 13.43 -25.67
CA HIS B 52 -2.32 12.36 -26.35
C HIS B 52 -3.68 12.74 -26.95
N ILE B 53 -4.39 13.68 -26.32
CA ILE B 53 -5.72 14.11 -26.83
C ILE B 53 -5.70 14.91 -28.17
N PRO B 54 -4.63 15.70 -28.46
CA PRO B 54 -4.55 16.41 -29.75
C PRO B 54 -3.77 15.70 -30.88
N ILE B 55 -3.11 14.57 -30.60
CA ILE B 55 -2.39 13.80 -31.63
C ILE B 55 -3.37 12.98 -32.49
N ASN B 56 -4.34 12.32 -31.85
CA ASN B 56 -5.37 11.54 -32.58
C ASN B 56 -6.40 12.41 -33.34
N ASN B 57 -6.84 13.49 -32.71
CA ASN B 57 -7.76 14.47 -33.33
C ASN B 57 -7.74 15.79 -32.54
N ILE B 58 -7.35 16.90 -33.18
CA ILE B 58 -7.09 18.19 -32.49
C ILE B 58 -8.34 18.81 -31.84
N ILE B 59 -8.38 18.85 -30.50
CA ILE B 59 -9.52 19.39 -29.72
C ILE B 59 -9.11 20.13 -28.41
N VAL B 60 -7.93 20.74 -28.38
CA VAL B 60 -7.48 21.55 -27.21
C VAL B 60 -6.36 22.58 -27.50
N GLY B 61 -5.29 22.14 -28.16
CA GLY B 61 -4.19 23.00 -28.48
C GLY B 61 -2.93 22.68 -27.69
N GLY B 62 -2.37 21.52 -27.97
CA GLY B 62 -1.17 21.08 -27.27
C GLY B 62 -0.15 20.44 -28.21
N ARG C 1 -0.08 -25.80 8.81
CA ARG C 1 -0.96 -26.27 9.95
C ARG C 1 -2.46 -26.11 9.65
N LEU C 2 -2.91 -26.70 8.54
CA LEU C 2 -4.32 -26.70 8.11
C LEU C 2 -4.93 -25.30 7.86
N LEU C 3 -5.10 -24.52 8.94
CA LEU C 3 -5.53 -23.12 8.83
C LEU C 3 -4.45 -22.25 8.17
N LEU C 4 -3.19 -22.57 8.42
CA LEU C 4 -2.06 -21.91 7.75
C LEU C 4 -1.91 -22.31 6.27
N LEU C 5 -2.18 -23.57 5.94
CA LEU C 5 -2.21 -24.02 4.53
C LEU C 5 -3.34 -23.33 3.75
N LEU C 6 -4.48 -23.14 4.40
CA LEU C 6 -5.62 -22.38 3.82
C LEU C 6 -5.29 -20.90 3.59
N VAL C 7 -4.48 -20.31 4.48
CA VAL C 7 -3.98 -18.94 4.32
C VAL C 7 -3.06 -18.82 3.10
N VAL C 8 -2.13 -19.76 2.93
CA VAL C 8 -1.26 -19.81 1.75
C VAL C 8 -2.10 -20.07 0.48
N SER C 9 -3.06 -21.00 0.58
CA SER C 9 -3.98 -21.28 -0.54
C SER C 9 -4.85 -20.06 -0.91
N ASN C 10 -5.25 -19.26 0.09
CA ASN C 10 -5.89 -17.96 -0.16
C ASN C 10 -4.91 -17.02 -0.86
N LEU C 11 -3.72 -16.87 -0.27
CA LEU C 11 -2.76 -15.92 -0.79
C LEU C 11 -2.44 -16.24 -2.25
N LEU C 12 -2.33 -17.51 -2.59
CA LEU C 12 -2.10 -17.88 -4.00
C LEU C 12 -3.12 -17.27 -4.98
N LEU C 13 -4.39 -17.16 -4.59
CA LEU C 13 -5.45 -16.58 -5.46
C LEU C 13 -5.33 -15.05 -5.65
N CYS C 14 -4.60 -14.38 -4.75
CA CYS C 14 -4.26 -12.95 -4.91
C CYS C 14 -3.52 -12.72 -6.24
N GLN C 15 -2.61 -13.63 -6.54
CA GLN C 15 -1.82 -13.60 -7.77
C GLN C 15 -2.65 -14.01 -9.00
N GLY C 16 -3.69 -14.82 -8.77
CA GLY C 16 -4.69 -15.16 -9.80
C GLY C 16 -5.78 -14.12 -10.07
N VAL C 17 -6.05 -13.24 -9.11
CA VAL C 17 -7.03 -12.14 -9.29
C VAL C 17 -6.32 -10.76 -9.39
N VAL C 18 -5.15 -10.73 -10.04
CA VAL C 18 -4.49 -9.48 -10.42
C VAL C 18 -5.15 -8.97 -11.71
N SER C 19 -5.22 -9.85 -12.71
CA SER C 19 -5.90 -9.63 -14.01
C SER C 19 -6.53 -8.26 -14.23
N UNK D 1 24.77 -8.14 2.89
CA UNK D 1 25.44 -8.38 1.56
C UNK D 1 24.74 -9.49 0.76
N UNK D 2 25.14 -9.64 -0.51
CA UNK D 2 24.52 -10.57 -1.45
C UNK D 2 25.55 -11.45 -2.19
N UNK D 3 25.04 -12.38 -2.98
CA UNK D 3 25.88 -13.31 -3.78
C UNK D 3 26.18 -12.83 -5.21
N UNK D 4 25.71 -11.65 -5.60
CA UNK D 4 25.84 -11.15 -6.97
C UNK D 4 27.24 -10.59 -7.27
N UNK D 5 27.81 -11.00 -8.40
CA UNK D 5 29.10 -10.51 -8.88
C UNK D 5 28.91 -9.27 -9.75
N UNK D 6 28.00 -9.36 -10.72
CA UNK D 6 27.75 -8.28 -11.68
C UNK D 6 27.13 -7.05 -11.00
N UNK D 7 27.97 -6.08 -10.67
CA UNK D 7 27.57 -4.87 -9.94
C UNK D 7 27.35 -3.68 -10.89
N UNK D 8 26.10 -3.25 -11.04
CA UNK D 8 25.72 -2.15 -11.93
C UNK D 8 25.89 -0.79 -11.24
N UNK D 9 26.20 0.23 -12.03
CA UNK D 9 26.42 1.58 -11.52
C UNK D 9 25.11 2.31 -11.26
N UNK D 10 25.20 3.42 -10.51
CA UNK D 10 24.06 4.32 -10.30
C UNK D 10 23.65 5.04 -11.59
N UNK D 11 24.61 5.30 -12.47
CA UNK D 11 24.37 5.90 -13.80
C UNK D 11 23.85 4.89 -14.85
N UNK D 12 24.29 3.63 -14.76
CA UNK D 12 23.89 2.58 -15.71
C UNK D 12 22.44 2.15 -15.58
N UNK D 13 21.87 2.29 -14.38
CA UNK D 13 20.45 2.01 -14.14
C UNK D 13 19.55 3.08 -14.77
N UNK D 14 19.83 4.35 -14.47
CA UNK D 14 19.06 5.48 -15.04
C UNK D 14 19.30 5.70 -16.54
N UNK D 15 20.45 5.23 -17.06
CA UNK D 15 20.77 5.24 -18.51
C UNK D 15 20.22 4.01 -19.26
N UNK D 16 20.01 2.89 -18.56
CA UNK D 16 19.27 1.74 -19.10
C UNK D 16 17.76 2.01 -19.18
N UNK D 17 17.25 2.76 -18.19
CA UNK D 17 15.83 3.10 -18.09
C UNK D 17 15.42 4.27 -19.00
N UNK D 18 16.28 5.27 -19.15
CA UNK D 18 16.03 6.41 -20.06
C UNK D 18 16.08 6.03 -21.56
N UNK D 19 16.79 4.95 -21.89
CA UNK D 19 16.78 4.37 -23.25
C UNK D 19 15.49 3.57 -23.54
N UNK D 20 14.89 3.00 -22.50
CA UNK D 20 13.54 2.40 -22.58
C UNK D 20 12.43 3.46 -22.59
N UNK D 21 12.56 4.51 -21.76
CA UNK D 21 11.55 5.59 -21.66
C UNK D 21 11.47 6.53 -22.88
N UNK D 22 12.54 6.61 -23.67
CA UNK D 22 12.54 7.34 -24.96
C UNK D 22 12.25 6.41 -26.17
N UNK D 23 12.69 5.15 -26.10
CA UNK D 23 12.35 4.13 -27.12
C UNK D 23 10.88 3.70 -27.07
N UNK D 24 10.25 3.84 -25.90
CA UNK D 24 8.80 3.67 -25.74
C UNK D 24 8.01 4.89 -26.27
N UNK D 25 8.58 6.08 -26.11
CA UNK D 25 7.95 7.35 -26.56
C UNK D 25 7.98 7.60 -28.08
N UNK D 26 8.84 6.87 -28.82
CA UNK D 26 8.92 7.01 -30.29
C UNK D 26 7.79 6.30 -31.05
N UNK D 27 7.87 4.97 -31.18
CA UNK D 27 6.98 4.18 -32.08
C UNK D 27 5.49 4.05 -31.68
N UNK D 28 5.10 4.51 -30.47
CA UNK D 28 3.71 4.46 -29.98
C UNK D 28 2.91 5.72 -30.36
N UNK D 29 3.51 6.90 -30.13
CA UNK D 29 2.96 8.19 -30.57
C UNK D 29 3.76 8.81 -31.74
N UNK D 30 4.44 7.96 -32.55
CA UNK D 30 5.18 8.42 -33.75
C UNK D 30 4.23 8.81 -34.89
N UNK D 31 3.10 8.11 -35.02
CA UNK D 31 2.11 8.39 -36.07
C UNK D 31 1.47 9.78 -35.89
N UNK D 32 2.14 10.81 -36.41
CA UNK D 32 1.74 12.21 -36.32
C UNK D 32 1.64 12.70 -34.87
#